data_4G9Q
#
_entry.id   4G9Q
#
_cell.length_a   104.345
_cell.length_b   104.345
_cell.length_c   63.191
_cell.angle_alpha   90.00
_cell.angle_beta   90.00
_cell.angle_gamma   120.00
#
_symmetry.space_group_name_H-M   'H 3'
#
loop_
_entity.id
_entity.type
_entity.pdbx_description
1 polymer '4-carboxymuconolactone decarboxylase'
2 water water
#
_entity_poly.entity_id   1
_entity_poly.type   'polypeptide(L)'
_entity_poly.pdbx_seq_one_letter_code
;(MSE)HHHHHHSSGVDLGTENLYFQS(MSE)(MSE)TTSNAGAQQPNVEGRRFSPDQVRSVAPALEQYTQQRLYGDVWQR
PGLNRRDRSLVTIAALIARGEAPALTYYADQALENGVKPSEISETITHLAYYSGWGKA(MSE)ATVGPVSEAFAKRGIGQ
DQLAAVESTPLPLDEEAEAQRATTVGNQFGSVAPGLVQYTTDYLFRDLWLRPDLAPRDRSLVTIAALISVGQVEQITFHL
NKALDNGLSEEQAAEVITHLAFYAGWPNA(MSE)SALPVAKAVFEKRRG
;
_entity_poly.pdbx_strand_id   A
#
# COMPACT_ATOMS: atom_id res chain seq x y z
N GLN A 32 7.19 21.72 -9.82
CA GLN A 32 6.31 20.65 -10.38
C GLN A 32 5.65 19.83 -9.28
N GLN A 33 6.20 19.90 -8.08
CA GLN A 33 5.62 19.26 -6.90
C GLN A 33 4.53 20.15 -6.29
N PRO A 34 3.34 19.57 -6.04
CA PRO A 34 2.25 20.35 -5.43
C PRO A 34 2.47 20.58 -3.93
N ASN A 35 1.92 21.68 -3.43
CA ASN A 35 1.95 22.03 -2.00
C ASN A 35 3.35 21.97 -1.35
N VAL A 36 4.27 22.72 -1.92
CA VAL A 36 5.66 22.80 -1.44
C VAL A 36 5.75 23.16 0.05
N GLU A 37 4.88 24.07 0.49
CA GLU A 37 4.87 24.52 1.89
C GLU A 37 4.49 23.45 2.92
N GLY A 38 3.84 22.39 2.45
CA GLY A 38 3.39 21.29 3.32
C GLY A 38 4.46 20.24 3.60
N ARG A 39 5.62 20.39 2.94
CA ARG A 39 6.73 19.45 3.09
C ARG A 39 7.41 19.58 4.45
N ARG A 40 7.92 18.46 4.96
CA ARG A 40 8.69 18.43 6.20
C ARG A 40 9.92 19.34 6.08
N PHE A 41 10.69 19.14 5.01
CA PHE A 41 11.84 19.99 4.70
C PHE A 41 11.57 20.80 3.44
N SER A 42 11.84 22.10 3.52
CA SER A 42 11.65 23.02 2.41
C SER A 42 12.71 22.79 1.32
N PRO A 43 12.42 23.22 0.08
CA PRO A 43 13.44 23.20 -0.97
C PRO A 43 14.76 23.85 -0.53
N ASP A 44 14.68 24.98 0.18
CA ASP A 44 15.87 25.63 0.75
C ASP A 44 16.67 24.70 1.65
N GLN A 45 15.97 23.97 2.51
CA GLN A 45 16.60 23.03 3.44
C GLN A 45 17.26 21.88 2.69
N VAL A 46 16.57 21.32 1.71
CA VAL A 46 17.14 20.23 0.91
C VAL A 46 18.38 20.72 0.17
N ARG A 47 18.30 21.93 -0.37
CA ARG A 47 19.44 22.52 -1.09
C ARG A 47 20.64 22.83 -0.19
N SER A 48 20.41 22.90 1.13
CA SER A 48 21.51 23.13 2.08
C SER A 48 22.37 21.89 2.28
N VAL A 49 21.91 20.75 1.76
CA VAL A 49 22.61 19.48 1.91
C VAL A 49 22.91 18.82 0.55
N ALA A 50 21.93 18.88 -0.34
CA ALA A 50 22.00 18.16 -1.62
C ALA A 50 21.11 18.81 -2.67
N PRO A 51 21.61 19.90 -3.31
CA PRO A 51 20.79 20.57 -4.32
C PRO A 51 20.43 19.67 -5.50
N ALA A 52 21.29 18.70 -5.83
CA ALA A 52 20.96 17.74 -6.89
C ALA A 52 19.73 16.91 -6.53
N LEU A 53 19.57 16.58 -5.27
CA LEU A 53 18.41 15.81 -4.83
C LEU A 53 17.12 16.62 -5.02
N GLU A 54 17.16 17.91 -4.68
CA GLU A 54 15.99 18.76 -4.86
C GLU A 54 15.59 18.85 -6.32
N GLN A 55 16.59 19.04 -7.19
CA GLN A 55 16.35 19.09 -8.63
C GLN A 55 15.72 17.80 -9.14
N TYR A 56 16.29 16.66 -8.72
CA TYR A 56 15.77 15.36 -9.11
C TYR A 56 14.34 15.14 -8.61
N THR A 57 14.05 15.61 -7.40
CA THR A 57 12.69 15.50 -6.84
C THR A 57 11.69 16.21 -7.75
N GLN A 58 12.02 17.43 -8.13
CA GLN A 58 11.16 18.24 -8.99
C GLN A 58 11.05 17.67 -10.40
N GLN A 59 12.19 17.44 -11.05
CA GLN A 59 12.19 17.08 -12.46
C GLN A 59 11.89 15.61 -12.75
N ARG A 60 12.39 14.71 -11.91
CA ARG A 60 12.24 13.28 -12.15
C ARG A 60 11.08 12.67 -11.36
N LEU A 61 11.09 12.82 -10.05
CA LEU A 61 10.06 12.20 -9.22
C LEU A 61 8.69 12.79 -9.51
N TYR A 62 8.55 14.09 -9.33
CA TYR A 62 7.27 14.74 -9.58
C TYR A 62 7.00 15.06 -11.04
N GLY A 63 8.06 15.41 -11.78
CA GLY A 63 7.92 15.85 -13.16
C GLY A 63 7.78 14.73 -14.17
N ASP A 64 8.21 13.52 -13.78
CA ASP A 64 8.19 12.38 -14.68
C ASP A 64 7.44 11.18 -14.09
N VAL A 65 7.96 10.60 -13.01
CA VAL A 65 7.35 9.38 -12.44
C VAL A 65 5.87 9.57 -12.12
N TRP A 66 5.56 10.62 -11.36
CA TRP A 66 4.19 10.91 -10.94
C TRP A 66 3.28 11.25 -12.13
N GLN A 67 3.89 11.61 -13.25
CA GLN A 67 3.16 12.00 -14.46
C GLN A 67 2.93 10.85 -15.45
N ARG A 68 3.48 9.67 -15.15
CA ARG A 68 3.32 8.51 -16.02
C ARG A 68 1.86 8.06 -16.01
N PRO A 69 1.19 8.10 -17.18
CA PRO A 69 -0.26 7.95 -17.21
C PRO A 69 -0.82 6.54 -16.99
N GLY A 70 0.05 5.53 -17.03
CA GLY A 70 -0.35 4.13 -16.85
C GLY A 70 -0.96 3.83 -15.50
N LEU A 71 -0.63 4.65 -14.51
CA LEU A 71 -1.19 4.54 -13.18
C LEU A 71 -1.53 5.96 -12.74
N ASN A 72 -2.78 6.16 -12.31
CA ASN A 72 -3.26 7.50 -12.02
C ASN A 72 -2.78 8.03 -10.67
N ARG A 73 -3.00 9.32 -10.41
CA ARG A 73 -2.47 9.95 -9.19
C ARG A 73 -3.11 9.39 -7.91
N ARG A 74 -4.38 9.05 -7.99
CA ARG A 74 -5.10 8.43 -6.87
C ARG A 74 -4.42 7.12 -6.46
N ASP A 75 -4.17 6.25 -7.44
CA ASP A 75 -3.54 4.96 -7.15
C ASP A 75 -2.11 5.14 -6.69
N ARG A 76 -1.39 6.08 -7.29
CA ARG A 76 -0.02 6.39 -6.87
C ARG A 76 0.02 6.86 -5.41
N SER A 77 -0.99 7.64 -5.01
CA SER A 77 -1.09 8.08 -3.62
C SER A 77 -1.27 6.90 -2.65
N LEU A 78 -2.12 5.95 -3.01
CA LEU A 78 -2.30 4.74 -2.20
C LEU A 78 -1.02 3.94 -2.08
N VAL A 79 -0.32 3.78 -3.21
CA VAL A 79 0.96 3.06 -3.26
C VAL A 79 2.01 3.75 -2.38
N THR A 80 2.04 5.08 -2.45
CA THR A 80 3.03 5.87 -1.71
C THR A 80 2.75 5.80 -0.20
N ILE A 81 1.48 5.98 0.18
CA ILE A 81 1.11 5.86 1.60
C ILE A 81 1.50 4.48 2.15
N ALA A 82 1.19 3.44 1.40
CA ALA A 82 1.52 2.07 1.82
C ALA A 82 3.04 1.90 2.01
N ALA A 83 3.82 2.43 1.07
CA ALA A 83 5.28 2.37 1.16
C ALA A 83 5.83 3.08 2.41
N LEU A 84 5.34 4.30 2.64
CA LEU A 84 5.78 5.11 3.79
C LEU A 84 5.43 4.44 5.11
N ILE A 85 4.24 3.87 5.19
CA ILE A 85 3.83 3.13 6.40
C ILE A 85 4.74 1.93 6.61
N ALA A 86 4.89 1.10 5.58
CA ALA A 86 5.66 -0.14 5.67
C ALA A 86 7.13 0.10 6.04
N ARG A 87 7.68 1.21 5.54
CA ARG A 87 9.11 1.51 5.71
C ARG A 87 9.43 2.37 6.93
N GLY A 88 8.42 2.63 7.75
CA GLY A 88 8.60 3.43 8.98
C GLY A 88 9.01 4.85 8.68
N GLU A 89 8.40 5.43 7.66
CA GLU A 89 8.64 6.81 7.28
C GLU A 89 7.38 7.64 7.53
N ALA A 90 6.73 7.35 8.65
CA ALA A 90 5.46 8.00 9.00
C ALA A 90 5.46 9.55 9.02
N PRO A 91 6.58 10.20 9.41
CA PRO A 91 6.59 11.68 9.38
C PRO A 91 6.22 12.30 8.03
N ALA A 92 6.64 11.66 6.93
CA ALA A 92 6.33 12.10 5.58
C ALA A 92 4.83 12.05 5.25
N LEU A 93 4.08 11.33 6.10
CA LEU A 93 2.67 11.08 5.88
C LEU A 93 1.77 12.30 5.97
N THR A 94 2.16 13.30 6.76
CA THR A 94 1.36 14.52 6.85
C THR A 94 1.21 15.12 5.46
N TYR A 95 2.33 15.27 4.76
CA TYR A 95 2.33 15.76 3.40
C TYR A 95 1.65 14.77 2.44
N TYR A 96 2.05 13.51 2.52
CA TYR A 96 1.56 12.53 1.54
C TYR A 96 0.10 12.13 1.71
N ALA A 97 -0.39 12.14 2.95
CA ALA A 97 -1.82 11.88 3.19
C ALA A 97 -2.66 13.05 2.70
N ASP A 98 -2.18 14.27 2.90
CA ASP A 98 -2.85 15.46 2.38
C ASP A 98 -2.93 15.38 0.84
N GLN A 99 -1.81 15.04 0.22
CA GLN A 99 -1.77 14.88 -1.23
C GLN A 99 -2.72 13.79 -1.70
N ALA A 100 -2.80 12.70 -0.95
CA ALA A 100 -3.72 11.61 -1.30
C ALA A 100 -5.17 12.08 -1.32
N LEU A 101 -5.55 12.85 -0.30
CA LEU A 101 -6.90 13.42 -0.23
C LEU A 101 -7.17 14.35 -1.42
N GLU A 102 -6.18 15.18 -1.75
CA GLU A 102 -6.27 16.06 -2.92
C GLU A 102 -6.43 15.23 -4.21
N ASN A 103 -5.75 14.09 -4.27
CA ASN A 103 -5.79 13.18 -5.42
C ASN A 103 -7.03 12.29 -5.49
N GLY A 104 -7.91 12.41 -4.50
CA GLY A 104 -9.20 11.73 -4.53
C GLY A 104 -9.28 10.42 -3.76
N VAL A 105 -8.24 10.11 -2.99
CA VAL A 105 -8.32 9.01 -2.02
C VAL A 105 -9.25 9.48 -0.91
N LYS A 106 -10.22 8.64 -0.56
CA LYS A 106 -11.18 8.98 0.49
C LYS A 106 -10.53 8.86 1.87
N PRO A 107 -10.95 9.71 2.83
CA PRO A 107 -10.47 9.53 4.21
C PRO A 107 -10.64 8.09 4.70
N SER A 108 -11.76 7.47 4.35
CA SER A 108 -12.06 6.10 4.79
C SER A 108 -11.07 5.09 4.21
N GLU A 109 -10.57 5.38 3.02
CA GLU A 109 -9.57 4.51 2.36
C GLU A 109 -8.20 4.62 3.03
N ILE A 110 -7.82 5.84 3.42
CA ILE A 110 -6.59 6.06 4.18
C ILE A 110 -6.72 5.36 5.54
N SER A 111 -7.86 5.58 6.20
CA SER A 111 -8.18 4.93 7.46
C SER A 111 -8.02 3.41 7.37
N GLU A 112 -8.59 2.84 6.31
CA GLU A 112 -8.55 1.39 6.13
C GLU A 112 -7.15 0.87 5.77
N THR A 113 -6.38 1.68 5.05
CA THR A 113 -5.01 1.30 4.70
C THR A 113 -4.17 1.12 5.96
N ILE A 114 -4.33 2.04 6.90
CA ILE A 114 -3.64 1.98 8.19
C ILE A 114 -4.01 0.68 8.94
N THR A 115 -5.32 0.39 9.02
CA THR A 115 -5.76 -0.83 9.70
C THR A 115 -5.25 -2.10 9.02
N HIS A 116 -5.31 -2.11 7.70
CA HIS A 116 -4.83 -3.23 6.92
C HIS A 116 -3.35 -3.48 7.18
N LEU A 117 -2.57 -2.40 7.19
CA LEU A 117 -1.13 -2.53 7.36
C LEU A 117 -0.69 -2.78 8.79
N ALA A 118 -1.59 -2.60 9.77
CA ALA A 118 -1.32 -3.08 11.13
C ALA A 118 -1.05 -4.58 11.09
N TYR A 119 -1.83 -5.29 10.27
CA TYR A 119 -1.66 -6.72 10.12
C TYR A 119 -0.50 -7.10 9.21
N TYR A 120 -0.35 -6.37 8.10
CA TYR A 120 0.63 -6.75 7.08
C TYR A 120 2.03 -6.17 7.25
N SER A 121 2.11 -4.98 7.86
CA SER A 121 3.40 -4.35 8.14
C SER A 121 3.77 -4.47 9.62
N GLY A 122 2.76 -4.52 10.48
CA GLY A 122 3.01 -4.66 11.92
C GLY A 122 2.34 -3.54 12.69
N TRP A 123 1.94 -3.85 13.92
CA TRP A 123 1.12 -2.94 14.72
C TRP A 123 1.80 -1.59 14.93
N GLY A 124 3.10 -1.63 15.21
CA GLY A 124 3.89 -0.41 15.47
C GLY A 124 4.00 0.51 14.27
N LYS A 125 4.09 -0.08 13.09
CA LYS A 125 4.12 0.69 11.84
C LYS A 125 2.79 1.42 11.61
N ALA A 126 1.68 0.75 11.89
CA ALA A 126 0.37 1.39 11.80
C ALA A 126 0.21 2.47 12.86
N MSE A 127 0.63 2.16 14.09
CA MSE A 127 0.48 3.11 15.20
C MSE A 127 1.25 4.40 14.97
O MSE A 127 0.80 5.47 15.36
CB MSE A 127 0.89 2.47 16.52
CG MSE A 127 -0.16 1.56 17.13
SE MSE A 127 -1.84 2.52 17.48
CE MSE A 127 -1.15 4.00 18.53
N ALA A 128 2.40 4.29 14.30
CA ALA A 128 3.25 5.44 14.01
C ALA A 128 2.55 6.48 13.12
N THR A 129 1.55 6.04 12.36
CA THR A 129 0.82 6.91 11.45
C THR A 129 -0.16 7.86 12.14
N VAL A 130 -0.51 7.53 13.38
CA VAL A 130 -1.60 8.23 14.07
C VAL A 130 -1.37 9.74 14.17
N GLY A 131 -0.20 10.15 14.67
CA GLY A 131 0.14 11.57 14.76
C GLY A 131 0.14 12.31 13.43
N PRO A 132 0.95 11.85 12.46
CA PRO A 132 1.02 12.50 11.15
C PRO A 132 -0.30 12.54 10.38
N VAL A 133 -1.04 11.43 10.36
CA VAL A 133 -2.30 11.39 9.61
C VAL A 133 -3.41 12.18 10.31
N SER A 134 -3.44 12.14 11.65
CA SER A 134 -4.42 12.95 12.40
C SER A 134 -4.23 14.44 12.11
N GLU A 135 -2.98 14.87 11.96
CA GLU A 135 -2.68 16.26 11.61
C GLU A 135 -3.20 16.60 10.22
N ALA A 136 -2.97 15.69 9.26
CA ALA A 136 -3.46 15.86 7.90
C ALA A 136 -4.98 15.97 7.86
N PHE A 137 -5.65 15.10 8.63
CA PHE A 137 -7.12 15.10 8.72
C PHE A 137 -7.64 16.38 9.38
N ALA A 138 -7.00 16.79 10.48
CA ALA A 138 -7.42 17.99 11.21
C ALA A 138 -7.38 19.25 10.34
N LYS A 139 -6.30 19.39 9.55
CA LYS A 139 -6.13 20.55 8.66
C LYS A 139 -7.23 20.64 7.60
N ARG A 140 -7.76 19.48 7.19
CA ARG A 140 -8.79 19.39 6.15
C ARG A 140 -10.22 19.32 6.71
N GLY A 141 -10.34 19.36 8.03
CA GLY A 141 -11.64 19.26 8.71
C GLY A 141 -12.28 17.90 8.56
N ILE A 142 -11.46 16.86 8.49
CA ILE A 142 -11.96 15.49 8.35
C ILE A 142 -12.27 14.90 9.73
N GLY A 143 -13.56 14.78 10.03
CA GLY A 143 -13.99 14.24 11.31
C GLY A 143 -14.06 12.72 11.31
N GLN A 144 -14.33 12.16 12.48
CA GLN A 144 -14.38 10.70 12.66
C GLN A 144 -15.52 10.05 11.89
N ASP A 145 -16.53 10.85 11.55
CA ASP A 145 -17.68 10.33 10.79
C ASP A 145 -17.33 9.92 9.37
N GLN A 146 -16.14 10.33 8.91
CA GLN A 146 -15.69 10.05 7.54
C GLN A 146 -14.73 8.84 7.46
N LEU A 147 -14.45 8.24 8.61
CA LEU A 147 -13.45 7.18 8.69
C LEU A 147 -14.03 5.80 8.37
N ALA A 148 -13.15 4.81 8.21
CA ALA A 148 -13.58 3.44 7.94
C ALA A 148 -14.36 2.90 9.13
N ALA A 149 -15.41 2.14 8.85
CA ALA A 149 -16.29 1.63 9.91
C ALA A 149 -15.59 0.60 10.78
N VAL A 150 -15.84 0.67 12.10
CA VAL A 150 -15.35 -0.35 13.02
C VAL A 150 -15.89 -1.73 12.60
N GLU A 151 -17.20 -1.81 12.39
CA GLU A 151 -17.82 -3.04 11.89
C GLU A 151 -18.90 -2.69 10.87
N SER A 152 -18.84 -3.34 9.72
CA SER A 152 -19.89 -3.19 8.71
C SER A 152 -20.09 -4.47 7.89
N THR A 153 -21.03 -4.45 6.97
CA THR A 153 -21.40 -5.63 6.19
C THR A 153 -20.23 -6.13 5.35
N PRO A 154 -19.83 -7.40 5.57
CA PRO A 154 -18.67 -7.91 4.84
C PRO A 154 -18.95 -8.03 3.35
N LEU A 155 -17.90 -7.96 2.54
CA LEU A 155 -17.97 -8.31 1.13
C LEU A 155 -18.17 -9.82 0.98
N PRO A 156 -18.69 -10.26 -0.18
CA PRO A 156 -18.91 -11.69 -0.41
C PRO A 156 -17.61 -12.48 -0.37
N LEU A 157 -17.66 -13.64 0.28
CA LEU A 157 -16.52 -14.53 0.37
C LEU A 157 -16.63 -15.62 -0.69
N ASP A 158 -15.54 -15.84 -1.44
CA ASP A 158 -15.44 -16.97 -2.35
C ASP A 158 -15.14 -18.20 -1.50
N GLU A 159 -16.20 -18.90 -1.11
CA GLU A 159 -16.12 -19.98 -0.13
C GLU A 159 -15.25 -21.15 -0.57
N GLU A 160 -15.27 -21.45 -1.86
CA GLU A 160 -14.49 -22.56 -2.41
C GLU A 160 -13.00 -22.24 -2.41
N ALA A 161 -12.66 -21.03 -2.84
CA ALA A 161 -11.27 -20.57 -2.85
C ALA A 161 -10.73 -20.45 -1.43
N GLU A 162 -11.60 -20.09 -0.49
CA GLU A 162 -11.22 -20.01 0.93
C GLU A 162 -11.04 -21.40 1.56
N ALA A 163 -11.92 -22.34 1.20
CA ALA A 163 -11.79 -23.72 1.67
C ALA A 163 -10.46 -24.32 1.20
N GLN A 164 -10.07 -23.99 -0.03
CA GLN A 164 -8.81 -24.43 -0.62
C GLN A 164 -7.61 -23.80 0.07
N ARG A 165 -7.68 -22.49 0.29
CA ARG A 165 -6.62 -21.75 0.97
C ARG A 165 -6.39 -22.29 2.38
N ALA A 166 -7.47 -22.42 3.15
CA ALA A 166 -7.40 -22.91 4.53
C ALA A 166 -6.82 -24.32 4.61
N THR A 167 -7.26 -25.20 3.70
CA THR A 167 -6.76 -26.58 3.65
C THR A 167 -5.26 -26.63 3.38
N THR A 168 -4.79 -25.85 2.41
CA THR A 168 -3.37 -25.80 2.05
C THR A 168 -2.51 -25.40 3.25
N VAL A 169 -2.86 -24.27 3.88
CA VAL A 169 -2.12 -23.75 5.04
C VAL A 169 -2.19 -24.71 6.23
N GLY A 170 -3.38 -25.21 6.52
CA GLY A 170 -3.59 -26.13 7.65
C GLY A 170 -2.80 -27.40 7.51
N ASN A 171 -2.76 -27.96 6.30
CA ASN A 171 -1.98 -29.16 6.02
C ASN A 171 -0.47 -28.96 6.16
N GLN A 172 0.00 -27.76 5.86
CA GLN A 172 1.42 -27.47 5.86
C GLN A 172 1.92 -27.03 7.23
N PHE A 173 1.15 -26.18 7.92
CA PHE A 173 1.61 -25.53 9.14
C PHE A 173 0.69 -25.64 10.35
N GLY A 174 -0.41 -26.38 10.19
CA GLY A 174 -1.41 -26.53 11.26
C GLY A 174 -0.85 -27.02 12.59
N SER A 175 0.14 -27.92 12.54
CA SER A 175 0.74 -28.43 13.77
C SER A 175 2.04 -27.70 14.14
N VAL A 176 2.48 -26.79 13.26
CA VAL A 176 3.68 -25.97 13.51
C VAL A 176 3.32 -24.76 14.38
N ALA A 177 2.30 -24.01 13.97
CA ALA A 177 1.81 -22.86 14.72
C ALA A 177 0.28 -22.78 14.61
N PRO A 178 -0.44 -23.64 15.36
CA PRO A 178 -1.90 -23.71 15.23
C PRO A 178 -2.60 -22.37 15.46
N GLY A 179 -2.10 -21.60 16.44
CA GLY A 179 -2.66 -20.28 16.75
C GLY A 179 -2.59 -19.33 15.56
N LEU A 180 -1.43 -19.29 14.92
CA LEU A 180 -1.22 -18.39 13.78
C LEU A 180 -2.09 -18.81 12.59
N VAL A 181 -2.17 -20.12 12.35
CA VAL A 181 -3.00 -20.64 11.27
C VAL A 181 -4.47 -20.23 11.50
N GLN A 182 -4.95 -20.39 12.73
CA GLN A 182 -6.34 -20.01 13.07
C GLN A 182 -6.57 -18.50 12.92
N TYR A 183 -5.63 -17.69 13.39
CA TYR A 183 -5.74 -16.24 13.23
C TYR A 183 -5.74 -15.81 11.76
N THR A 184 -4.91 -16.46 10.96
CA THR A 184 -4.87 -16.17 9.52
C THR A 184 -6.27 -16.31 8.91
N THR A 185 -6.94 -17.42 9.24
CA THR A 185 -8.32 -17.65 8.79
C THR A 185 -9.31 -16.63 9.37
N ASP A 186 -9.35 -16.55 10.70
CA ASP A 186 -10.37 -15.76 11.40
C ASP A 186 -10.20 -14.26 11.29
N TYR A 187 -8.97 -13.78 11.47
CA TYR A 187 -8.71 -12.32 11.47
C TYR A 187 -8.51 -11.77 10.08
N LEU A 188 -7.83 -12.52 9.22
CA LEU A 188 -7.49 -11.99 7.89
C LEU A 188 -8.50 -12.36 6.81
N PHE A 189 -8.55 -13.65 6.47
CA PHE A 189 -9.32 -14.04 5.29
C PHE A 189 -10.84 -14.06 5.49
N ARG A 190 -11.29 -14.25 6.72
CA ARG A 190 -12.72 -14.21 7.02
C ARG A 190 -13.18 -12.91 7.69
N ASP A 191 -12.28 -11.92 7.73
CA ASP A 191 -12.63 -10.59 8.25
C ASP A 191 -11.94 -9.46 7.49
N LEU A 192 -10.65 -9.23 7.76
CA LEU A 192 -9.92 -8.11 7.17
C LEU A 192 -10.13 -7.97 5.65
N TRP A 193 -9.99 -9.08 4.93
CA TRP A 193 -10.08 -9.08 3.47
C TRP A 193 -11.49 -8.88 2.94
N LEU A 194 -12.47 -9.05 3.82
CA LEU A 194 -13.88 -8.83 3.47
C LEU A 194 -14.43 -7.49 3.93
N ARG A 195 -13.59 -6.71 4.62
CA ARG A 195 -14.01 -5.37 5.05
C ARG A 195 -14.20 -4.47 3.82
N PRO A 196 -15.36 -3.79 3.73
CA PRO A 196 -15.67 -3.08 2.48
C PRO A 196 -14.99 -1.72 2.29
N ASP A 197 -14.29 -1.22 3.30
CA ASP A 197 -13.74 0.14 3.29
C ASP A 197 -12.59 0.33 2.31
N LEU A 198 -11.98 -0.76 1.87
CA LEU A 198 -11.19 -0.78 0.65
C LEU A 198 -11.81 -1.80 -0.28
N ALA A 199 -11.97 -1.41 -1.54
CA ALA A 199 -12.31 -2.38 -2.59
C ALA A 199 -11.20 -3.43 -2.66
N PRO A 200 -11.56 -4.69 -2.97
CA PRO A 200 -10.56 -5.76 -3.03
C PRO A 200 -9.34 -5.41 -3.87
N ARG A 201 -9.55 -4.77 -5.03
CA ARG A 201 -8.46 -4.32 -5.88
C ARG A 201 -7.49 -3.39 -5.13
N ASP A 202 -8.06 -2.44 -4.39
CA ASP A 202 -7.28 -1.45 -3.65
C ASP A 202 -6.59 -2.06 -2.43
N ARG A 203 -7.26 -3.00 -1.77
CA ARG A 203 -6.64 -3.70 -0.64
C ARG A 203 -5.44 -4.52 -1.11
N SER A 204 -5.58 -5.17 -2.26
CA SER A 204 -4.48 -5.90 -2.86
C SER A 204 -3.36 -4.95 -3.30
N LEU A 205 -3.74 -3.80 -3.85
CA LEU A 205 -2.79 -2.76 -4.25
C LEU A 205 -1.91 -2.32 -3.07
N VAL A 206 -2.54 -1.98 -1.95
CA VAL A 206 -1.78 -1.55 -0.77
C VAL A 206 -0.91 -2.68 -0.21
N THR A 207 -1.41 -3.92 -0.28
CA THR A 207 -0.65 -5.08 0.18
C THR A 207 0.60 -5.30 -0.67
N ILE A 208 0.45 -5.32 -2.00
CA ILE A 208 1.64 -5.54 -2.84
C ILE A 208 2.65 -4.39 -2.65
N ALA A 209 2.16 -3.17 -2.48
CA ALA A 209 3.04 -2.01 -2.27
C ALA A 209 3.83 -2.16 -0.97
N ALA A 210 3.15 -2.55 0.10
CA ALA A 210 3.80 -2.73 1.40
C ALA A 210 4.84 -3.85 1.37
N LEU A 211 4.54 -4.93 0.66
CA LEU A 211 5.44 -6.09 0.55
C LEU A 211 6.70 -5.74 -0.23
N ILE A 212 6.50 -5.13 -1.40
CA ILE A 212 7.62 -4.71 -2.25
C ILE A 212 8.52 -3.73 -1.49
N SER A 213 7.90 -2.84 -0.72
CA SER A 213 8.62 -1.76 -0.06
C SER A 213 9.62 -2.20 1.01
N VAL A 214 9.45 -3.43 1.50
CA VAL A 214 10.35 -3.98 2.49
C VAL A 214 11.00 -5.29 2.02
N GLY A 215 10.88 -5.56 0.72
CA GLY A 215 11.57 -6.69 0.09
C GLY A 215 11.01 -8.07 0.43
N GLN A 216 9.74 -8.11 0.81
CA GLN A 216 9.09 -9.36 1.17
C GLN A 216 8.59 -10.10 -0.06
N VAL A 217 9.54 -10.55 -0.87
CA VAL A 217 9.27 -11.20 -2.16
C VAL A 217 8.56 -12.55 -2.03
N GLU A 218 8.69 -13.21 -0.87
CA GLU A 218 8.07 -14.54 -0.65
C GLU A 218 6.55 -14.50 -0.76
N GLN A 219 5.96 -13.35 -0.43
CA GLN A 219 4.51 -13.24 -0.34
C GLN A 219 3.89 -12.51 -1.54
N ILE A 220 4.74 -12.03 -2.44
CA ILE A 220 4.27 -11.29 -3.61
C ILE A 220 3.50 -12.17 -4.61
N THR A 221 3.94 -13.40 -4.80
CA THR A 221 3.25 -14.29 -5.76
C THR A 221 1.76 -14.38 -5.46
N PHE A 222 1.43 -14.76 -4.22
CA PHE A 222 0.04 -14.87 -3.80
C PHE A 222 -0.72 -13.55 -3.99
N HIS A 223 -0.15 -12.46 -3.50
CA HIS A 223 -0.86 -11.19 -3.49
C HIS A 223 -0.93 -10.47 -4.83
N LEU A 224 0.05 -10.69 -5.69
CA LEU A 224 -0.01 -10.15 -7.04
C LEU A 224 -1.06 -10.88 -7.87
N ASN A 225 -1.10 -12.21 -7.75
CA ASN A 225 -2.17 -12.97 -8.38
C ASN A 225 -3.53 -12.48 -7.93
N LYS A 226 -3.67 -12.27 -6.62
CA LYS A 226 -4.92 -11.77 -6.04
C LYS A 226 -5.28 -10.37 -6.60
N ALA A 227 -4.28 -9.50 -6.71
CA ALA A 227 -4.48 -8.16 -7.26
C ALA A 227 -4.96 -8.20 -8.71
N LEU A 228 -4.33 -9.07 -9.50
CA LEU A 228 -4.70 -9.24 -10.90
C LEU A 228 -6.11 -9.84 -11.02
N ASP A 229 -6.40 -10.85 -10.19
CA ASP A 229 -7.75 -11.43 -10.08
C ASP A 229 -8.77 -10.34 -9.71
N ASN A 230 -8.36 -9.43 -8.83
CA ASN A 230 -9.24 -8.36 -8.35
C ASN A 230 -9.39 -7.16 -9.30
N GLY A 231 -8.64 -7.18 -10.41
CA GLY A 231 -8.83 -6.17 -11.45
C GLY A 231 -7.67 -5.22 -11.74
N LEU A 232 -6.59 -5.33 -10.98
CA LEU A 232 -5.40 -4.53 -11.29
C LEU A 232 -4.80 -5.03 -12.60
N SER A 233 -4.46 -4.14 -13.52
CA SER A 233 -3.89 -4.59 -14.79
C SER A 233 -2.40 -4.86 -14.65
N GLU A 234 -1.85 -5.65 -15.58
CA GLU A 234 -0.43 -5.93 -15.57
C GLU A 234 0.42 -4.67 -15.74
N GLU A 235 -0.02 -3.74 -16.59
CA GLU A 235 0.73 -2.49 -16.76
C GLU A 235 0.66 -1.64 -15.49
N GLN A 236 -0.49 -1.65 -14.83
CA GLN A 236 -0.63 -0.94 -13.54
C GLN A 236 0.36 -1.53 -12.52
N ALA A 237 0.44 -2.85 -12.46
CA ALA A 237 1.37 -3.54 -11.56
C ALA A 237 2.81 -3.17 -11.87
N ALA A 238 3.14 -3.07 -13.15
CA ALA A 238 4.47 -2.65 -13.57
C ALA A 238 4.75 -1.21 -13.12
N GLU A 239 3.73 -0.36 -13.19
CA GLU A 239 3.86 1.02 -12.73
C GLU A 239 4.04 1.10 -11.22
N VAL A 240 3.38 0.20 -10.49
CA VAL A 240 3.52 0.11 -9.03
C VAL A 240 4.98 -0.18 -8.67
N ILE A 241 5.55 -1.19 -9.31
CA ILE A 241 6.95 -1.56 -9.09
C ILE A 241 7.86 -0.39 -9.45
N THR A 242 7.57 0.27 -10.57
CA THR A 242 8.38 1.40 -11.03
C THR A 242 8.34 2.58 -10.06
N HIS A 243 7.13 2.90 -9.58
CA HIS A 243 6.94 3.97 -8.61
C HIS A 243 7.73 3.68 -7.33
N LEU A 244 7.70 2.42 -6.91
CA LEU A 244 8.36 2.00 -5.67
C LEU A 244 9.89 1.94 -5.75
N ALA A 245 10.44 1.90 -6.97
CA ALA A 245 11.89 2.03 -7.11
C ALA A 245 12.39 3.32 -6.48
N PHE A 246 11.58 4.37 -6.62
CA PHE A 246 11.93 5.69 -6.08
C PHE A 246 11.67 5.79 -4.60
N TYR A 247 10.52 5.30 -4.15
CA TYR A 247 10.13 5.40 -2.74
C TYR A 247 10.72 4.35 -1.83
N ALA A 248 11.05 3.19 -2.38
CA ALA A 248 11.55 2.09 -1.57
C ALA A 248 12.95 1.63 -2.01
N GLY A 249 13.53 2.32 -2.99
CA GLY A 249 14.88 2.02 -3.46
C GLY A 249 14.89 1.05 -4.62
N TRP A 250 15.88 1.22 -5.51
CA TRP A 250 16.00 0.39 -6.71
C TRP A 250 16.04 -1.11 -6.41
N PRO A 251 16.88 -1.54 -5.43
CA PRO A 251 16.98 -2.98 -5.20
C PRO A 251 15.64 -3.64 -4.86
N ASN A 252 14.80 -2.97 -4.07
CA ASN A 252 13.47 -3.52 -3.76
C ASN A 252 12.61 -3.70 -5.01
N ALA A 253 12.59 -2.70 -5.88
CA ALA A 253 11.87 -2.81 -7.15
C ALA A 253 12.45 -3.92 -8.03
N MSE A 254 13.78 -3.96 -8.11
CA MSE A 254 14.47 -4.97 -8.92
C MSE A 254 14.16 -6.39 -8.44
O MSE A 254 13.97 -7.29 -9.25
CB MSE A 254 15.97 -4.73 -8.95
CG MSE A 254 16.33 -3.42 -9.63
SE MSE A 254 18.24 -3.24 -9.86
CE MSE A 254 18.77 -2.66 -8.09
N SER A 255 14.10 -6.57 -7.12
CA SER A 255 13.83 -7.89 -6.53
C SER A 255 12.43 -8.39 -6.84
N ALA A 256 11.49 -7.46 -7.06
CA ALA A 256 10.11 -7.80 -7.39
C ALA A 256 9.93 -8.28 -8.83
N LEU A 257 10.83 -7.86 -9.71
CA LEU A 257 10.71 -8.14 -11.16
C LEU A 257 10.64 -9.62 -11.55
N PRO A 258 11.54 -10.47 -11.02
CA PRO A 258 11.42 -11.89 -11.41
C PRO A 258 10.12 -12.52 -10.89
N VAL A 259 9.65 -12.07 -9.73
CA VAL A 259 8.39 -12.57 -9.17
C VAL A 259 7.22 -12.17 -10.06
N ALA A 260 7.17 -10.88 -10.42
CA ALA A 260 6.15 -10.37 -11.34
C ALA A 260 6.20 -11.07 -12.70
N LYS A 261 7.39 -11.25 -13.24
CA LYS A 261 7.58 -11.95 -14.53
C LYS A 261 6.99 -13.35 -14.48
N ALA A 262 7.29 -14.08 -13.41
CA ALA A 262 6.82 -15.45 -13.24
C ALA A 262 5.30 -15.50 -13.15
N VAL A 263 4.71 -14.55 -12.43
CA VAL A 263 3.27 -14.45 -12.30
C VAL A 263 2.62 -14.18 -13.66
N PHE A 264 3.14 -13.19 -14.39
CA PHE A 264 2.57 -12.85 -15.70
C PHE A 264 2.62 -14.04 -16.65
N GLU A 265 3.75 -14.75 -16.63
CA GLU A 265 3.95 -15.89 -17.52
C GLU A 265 3.04 -17.06 -17.15
N LYS A 266 2.87 -17.28 -15.84
CA LYS A 266 2.03 -18.37 -15.36
C LYS A 266 0.56 -18.16 -15.74
N ARG A 267 0.09 -16.91 -15.71
CA ARG A 267 -1.30 -16.61 -16.07
C ARG A 267 -1.58 -16.84 -17.55
N ARG A 268 -0.51 -16.91 -18.35
CA ARG A 268 -0.62 -17.14 -19.79
C ARG A 268 -0.66 -18.62 -20.16
N GLY A 269 -0.33 -19.48 -19.20
CA GLY A 269 -0.43 -20.93 -19.37
C GLY A 269 -1.88 -21.39 -19.25
#